data_2O4Y
#
_entry.id   2O4Y
#
loop_
_entity.id
_entity.type
_entity.pdbx_description
1 polymer "DNA (5'-D(*GP*TP*AP*CP*(NCX)P*AP*CP*G)-3')"
2 polymer "DNA (5'-D(*CP*GP*TP*TP*GP*TP*AP*C)-3')"
#
loop_
_entity_poly.entity_id
_entity_poly.type
_entity_poly.pdbx_seq_one_letter_code
_entity_poly.pdbx_strand_id
1 'polydeoxyribonucleotide' (DG)(DT)(DA)(DC)(NCX)(DA)(DC)(DG) A
2 'polydeoxyribonucleotide' (DC)(DG)(DT)(DT)(DG)(DT)(DA)(DC) B
#